data_3O2F
#
_entry.id   3O2F
#
_cell.length_a   60.960
_cell.length_b   65.686
_cell.length_c   85.453
_cell.angle_alpha   90.00
_cell.angle_beta   98.13
_cell.angle_gamma   90.00
#
_symmetry.space_group_name_H-M   'P 1 21 1'
#
loop_
_entity.id
_entity.type
_entity.pdbx_description
1 polymer Endoplasmin
2 non-polymer 8-[(2,4-dimethylphenyl)sulfanyl]-3-pent-4-yn-1-yl-3H-purin-6-amine
3 non-polymer 'ISOPROPYL ALCOHOL'
4 non-polymer GLYCEROL
5 water water
#
_entity_poly.entity_id   1
_entity_poly.type   'polypeptide(L)'
_entity_poly.pdbx_seq_one_letter_code
;GSHMLREKSEKFAFQAEVNRMMKLIINSLYKNKEIFLRELISNASDALDKIRLISLTDENALAGNEELTVKIKCDKEKNL
LHVTDTGVGMTREELVKNLGTIAKSGTSEFLNKMTEAQEDGQSTSELIGQFGVGFYSAFLVADKVIVTSKHNNDTQHIWE
SDSNEFSVIADPRGNTLGRGTTITLVLKEEASDYLELDTIKNLVKKYSQFINFPIYVWSSKTGGGGKTVWDWELMN
;
_entity_poly.pdbx_strand_id   A,B
#
loop_
_chem_comp.id
_chem_comp.type
_chem_comp.name
_chem_comp.formula
GOL non-polymer GLYCEROL 'C3 H8 O3'
IPA non-polymer 'ISOPROPYL ALCOHOL' 'C3 H8 O'
P54 non-polymer 8-[(2,4-dimethylphenyl)sulfanyl]-3-pent-4-yn-1-yl-3H-purin-6-amine 'C18 H19 N5 S'
#
# COMPACT_ATOMS: atom_id res chain seq x y z
N LEU A 5 9.15 -39.55 -15.25
CA LEU A 5 8.26 -39.37 -14.06
C LEU A 5 7.98 -37.89 -13.75
N ARG A 6 9.01 -37.09 -13.47
CA ARG A 6 8.86 -35.65 -13.10
C ARG A 6 9.92 -34.69 -13.66
N GLU A 7 9.68 -33.38 -13.57
CA GLU A 7 10.73 -32.36 -13.83
C GLU A 7 11.63 -32.26 -12.60
N LYS A 8 12.89 -32.67 -12.75
CA LYS A 8 13.82 -32.73 -11.61
C LYS A 8 14.24 -31.33 -11.19
N SER A 9 14.33 -31.11 -9.88
CA SER A 9 15.07 -29.98 -9.34
C SER A 9 16.14 -30.44 -8.35
N GLU A 10 17.16 -29.62 -8.17
CA GLU A 10 17.67 -29.32 -6.83
C GLU A 10 18.79 -28.29 -6.89
N LYS A 11 18.69 -27.26 -6.05
CA LYS A 11 19.01 -27.41 -4.63
C LYS A 11 17.75 -27.69 -3.82
N PHE A 12 16.68 -26.96 -4.12
CA PHE A 12 16.61 -25.54 -3.78
C PHE A 12 15.26 -25.20 -3.13
N ALA A 13 14.62 -26.21 -2.55
CA ALA A 13 13.44 -25.99 -1.72
C ALA A 13 13.79 -25.10 -0.51
N PHE A 14 15.03 -25.21 -0.03
CA PHE A 14 15.58 -24.38 1.05
C PHE A 14 15.58 -22.91 0.65
N GLN A 15 16.00 -22.64 -0.59
CA GLN A 15 15.92 -21.30 -1.19
C GLN A 15 14.47 -20.84 -1.34
N ALA A 16 13.54 -21.60 -0.75
CA ALA A 16 12.14 -21.19 -0.57
C ALA A 16 11.96 -20.21 0.59
N GLU A 17 13.04 -19.87 1.28
CA GLU A 17 13.01 -18.82 2.31
C GLU A 17 13.25 -17.43 1.72
N VAL A 18 13.19 -17.34 0.39
CA VAL A 18 12.88 -16.05 -0.19
C VAL A 18 11.47 -15.66 0.27
N ASN A 19 10.61 -16.65 0.52
CA ASN A 19 9.23 -16.40 1.02
C ASN A 19 9.25 -15.74 2.40
N ARG A 20 10.10 -16.27 3.28
CA ARG A 20 10.38 -15.70 4.60
C ARG A 20 10.88 -14.26 4.46
N MET A 21 11.78 -14.03 3.51
CA MET A 21 12.31 -12.71 3.22
C MET A 21 11.26 -11.75 2.64
N MET A 22 10.41 -12.28 1.75
CA MET A 22 9.33 -11.48 1.16
C MET A 22 8.31 -11.10 2.22
N LYS A 23 8.01 -12.03 3.15
CA LYS A 23 7.04 -11.71 4.20
C LYS A 23 7.52 -10.55 5.06
N LEU A 24 8.81 -10.57 5.39
CA LEU A 24 9.44 -9.45 6.09
C LEU A 24 9.29 -8.11 5.38
N ILE A 25 9.44 -8.12 4.06
CA ILE A 25 9.46 -6.88 3.29
C ILE A 25 8.08 -6.22 3.25
N ILE A 26 7.04 -7.06 3.22
CA ILE A 26 5.67 -6.57 3.37
C ILE A 26 5.50 -5.82 4.68
N ASN A 27 6.59 -5.63 5.41
CA ASN A 27 6.65 -4.63 6.46
C ASN A 27 6.71 -3.21 5.91
N SER A 28 6.36 -3.05 4.64
CA SER A 28 5.84 -1.79 4.14
C SER A 28 4.65 -1.30 4.97
N LEU A 29 4.10 -2.21 5.77
CA LEU A 29 2.87 -1.93 6.50
C LEU A 29 3.11 -1.00 7.68
N TYR A 30 4.22 -1.24 8.38
CA TYR A 30 4.67 -0.33 9.43
C TYR A 30 4.86 1.08 8.89
N LYS A 31 5.32 1.18 7.64
CA LYS A 31 5.58 2.48 7.02
C LYS A 31 4.30 3.17 6.54
N ASN A 32 3.22 2.41 6.48
CA ASN A 32 1.95 2.87 5.88
C ASN A 32 0.81 2.33 6.70
N LYS A 33 0.84 2.58 8.00
CA LYS A 33 -0.15 2.03 8.91
C LYS A 33 -1.59 2.42 8.56
N GLU A 34 -1.78 3.60 7.94
CA GLU A 34 -3.16 4.04 7.60
C GLU A 34 -3.87 3.11 6.60
N ILE A 35 -3.10 2.22 6.01
CA ILE A 35 -3.62 1.23 5.12
C ILE A 35 -4.67 0.36 5.81
N PHE A 36 -4.66 0.31 7.15
CA PHE A 36 -5.64 -0.52 7.89
C PHE A 36 -7.07 -0.07 7.51
N LEU A 37 -7.27 1.23 7.35
CA LEU A 37 -8.60 1.74 7.05
C LEU A 37 -8.95 1.48 5.59
N ARG A 38 -7.97 1.58 4.69
CA ARG A 38 -8.18 1.21 3.27
C ARG A 38 -8.69 -0.24 3.18
N GLU A 39 -8.04 -1.12 3.92
CA GLU A 39 -8.40 -2.54 3.96
C GLU A 39 -9.76 -2.80 4.60
N LEU A 40 -10.06 -2.10 5.70
CA LEU A 40 -11.39 -2.20 6.31
C LEU A 40 -12.47 -1.78 5.34
N ILE A 41 -12.29 -0.64 4.67
CA ILE A 41 -13.22 -0.24 3.66
C ILE A 41 -13.34 -1.20 2.46
N SER A 42 -12.21 -1.67 1.94
CA SER A 42 -12.17 -2.59 0.81
C SER A 42 -12.87 -3.93 1.18
N ASN A 43 -12.66 -4.38 2.41
CA ASN A 43 -13.24 -5.67 2.82
C ASN A 43 -14.74 -5.54 3.10
N ALA A 44 -15.09 -4.39 3.61
CA ALA A 44 -16.49 -4.03 3.79
C ALA A 44 -17.22 -4.05 2.43
N SER A 45 -16.60 -3.44 1.40
CA SER A 45 -17.14 -3.38 0.05
C SER A 45 -17.26 -4.78 -0.55
N ASP A 46 -16.26 -5.64 -0.30
CA ASP A 46 -16.33 -7.02 -0.73
C ASP A 46 -17.48 -7.81 -0.10
N ALA A 47 -17.67 -7.65 1.20
CA ALA A 47 -18.74 -8.31 1.92
C ALA A 47 -20.11 -7.88 1.39
N LEU A 48 -20.22 -6.61 0.99
CA LEU A 48 -21.44 -6.09 0.36
C LEU A 48 -21.66 -6.64 -1.06
N ASP A 49 -20.59 -6.67 -1.89
CA ASP A 49 -20.67 -7.28 -3.23
C ASP A 49 -21.16 -8.74 -3.05
N LYS A 50 -20.65 -9.42 -2.01
CA LYS A 50 -20.92 -10.85 -1.82
C LYS A 50 -22.40 -11.08 -1.50
N ILE A 51 -22.93 -10.33 -0.54
CA ILE A 51 -24.37 -10.41 -0.25
C ILE A 51 -25.23 -9.95 -1.42
N ARG A 52 -24.79 -8.94 -2.15
CA ARG A 52 -25.52 -8.49 -3.34
C ARG A 52 -25.61 -9.59 -4.40
N LEU A 53 -24.48 -10.23 -4.73
CA LEU A 53 -24.47 -11.36 -5.66
C LEU A 53 -25.42 -12.46 -5.18
N ILE A 54 -25.39 -12.78 -3.89
CA ILE A 54 -26.32 -13.76 -3.30
C ILE A 54 -27.80 -13.34 -3.49
N SER A 55 -28.10 -12.05 -3.33
CA SER A 55 -29.50 -11.59 -3.46
C SER A 55 -30.06 -11.74 -4.91
N LEU A 56 -29.19 -11.83 -5.91
CA LEU A 56 -29.66 -11.98 -7.28
C LEU A 56 -30.51 -13.22 -7.45
N THR A 57 -30.16 -14.30 -6.75
CA THR A 57 -30.88 -15.56 -6.85
C THR A 57 -31.73 -15.90 -5.60
N ASP A 58 -31.38 -15.29 -4.48
CA ASP A 58 -32.07 -15.56 -3.23
C ASP A 58 -32.83 -14.30 -2.79
N GLU A 59 -34.14 -14.31 -3.01
CA GLU A 59 -34.97 -13.13 -2.74
C GLU A 59 -35.07 -12.81 -1.24
N ASN A 60 -34.67 -13.76 -0.40
CA ASN A 60 -34.69 -13.60 1.04
C ASN A 60 -33.37 -13.15 1.64
N ALA A 61 -32.33 -12.99 0.82
CA ALA A 61 -30.98 -12.70 1.32
C ALA A 61 -30.88 -11.37 2.04
N LEU A 62 -31.73 -10.42 1.67
CA LEU A 62 -31.58 -9.10 2.24
C LEU A 62 -32.57 -8.80 3.39
N ALA A 63 -33.29 -9.82 3.80
CA ALA A 63 -34.40 -9.69 4.73
C ALA A 63 -33.97 -9.14 6.08
N GLY A 64 -32.80 -9.53 6.55
CA GLY A 64 -32.24 -9.09 7.81
C GLY A 64 -31.97 -7.61 7.88
N ASN A 65 -31.54 -7.05 6.78
CA ASN A 65 -31.24 -5.65 6.69
C ASN A 65 -31.30 -5.23 5.21
N GLU A 66 -32.24 -4.36 4.86
CA GLU A 66 -32.44 -3.99 3.48
C GLU A 66 -31.27 -3.25 2.88
N GLU A 67 -30.60 -2.41 3.63
CA GLU A 67 -29.60 -1.51 3.08
C GLU A 67 -28.23 -2.11 2.82
N LEU A 68 -27.43 -1.44 1.99
CA LEU A 68 -26.10 -1.91 1.62
C LEU A 68 -25.16 -0.71 1.76
N THR A 69 -24.59 -0.55 2.95
CA THR A 69 -23.81 0.64 3.24
C THR A 69 -22.65 0.25 4.13
N VAL A 70 -21.71 1.19 4.28
CA VAL A 70 -20.67 1.15 5.28
C VAL A 70 -20.80 2.38 6.18
N LYS A 71 -20.79 2.16 7.49
CA LYS A 71 -20.94 3.23 8.47
C LYS A 71 -19.78 3.24 9.44
N ILE A 72 -19.07 4.36 9.48
CA ILE A 72 -17.86 4.48 10.31
C ILE A 72 -18.14 5.49 11.43
N LYS A 73 -17.85 5.11 12.67
CA LYS A 73 -18.06 5.97 13.83
C LYS A 73 -16.82 6.02 14.76
N CYS A 74 -16.33 7.22 15.03
CA CYS A 74 -15.29 7.41 16.04
C CYS A 74 -15.93 7.65 17.40
N ASP A 75 -15.33 7.08 18.44
CA ASP A 75 -15.74 7.44 19.78
C ASP A 75 -14.47 7.79 20.55
N LYS A 76 -14.18 9.09 20.59
CA LYS A 76 -12.95 9.63 21.18
C LYS A 76 -12.84 9.29 22.67
N GLU A 77 -13.91 9.51 23.42
CA GLU A 77 -13.90 9.29 24.87
C GLU A 77 -13.58 7.84 25.24
N LYS A 78 -14.08 6.89 24.46
CA LYS A 78 -13.87 5.45 24.72
C LYS A 78 -12.69 4.84 23.96
N ASN A 79 -12.01 5.67 23.15
CA ASN A 79 -10.84 5.24 22.35
C ASN A 79 -11.15 4.10 21.35
N LEU A 80 -12.26 4.25 20.64
CA LEU A 80 -12.74 3.23 19.70
C LEU A 80 -12.96 3.81 18.31
N LEU A 81 -12.60 3.01 17.31
CA LEU A 81 -13.01 3.27 15.94
C LEU A 81 -13.90 2.12 15.46
N HIS A 82 -15.08 2.43 14.94
CA HIS A 82 -15.99 1.37 14.47
C HIS A 82 -16.18 1.49 12.96
N VAL A 83 -16.18 0.36 12.26
CA VAL A 83 -16.47 0.31 10.82
C VAL A 83 -17.51 -0.75 10.63
N THR A 84 -18.69 -0.32 10.26
CA THR A 84 -19.84 -1.22 10.15
C THR A 84 -20.34 -1.38 8.71
N ASP A 85 -20.39 -2.62 8.26
CA ASP A 85 -20.96 -2.93 6.96
C ASP A 85 -22.19 -3.78 7.09
N THR A 86 -23.08 -3.69 6.08
CA THR A 86 -24.25 -4.52 6.02
C THR A 86 -24.04 -5.62 4.95
N GLY A 87 -22.84 -6.21 4.91
CA GLY A 87 -22.53 -7.21 3.90
C GLY A 87 -22.87 -8.60 4.37
N VAL A 88 -22.16 -9.59 3.84
CA VAL A 88 -22.52 -10.99 4.06
C VAL A 88 -22.49 -11.36 5.55
N GLY A 89 -21.62 -10.71 6.34
CA GLY A 89 -21.40 -11.13 7.71
C GLY A 89 -20.61 -12.43 7.81
N MET A 90 -20.46 -12.96 9.03
CA MET A 90 -19.71 -14.20 9.34
C MET A 90 -20.39 -15.04 10.41
N THR A 91 -20.45 -16.34 10.18
CA THR A 91 -20.91 -17.25 11.18
C THR A 91 -19.88 -17.31 12.31
N ARG A 92 -20.27 -17.93 13.42
CA ARG A 92 -19.39 -18.21 14.53
C ARG A 92 -18.16 -19.02 14.07
N GLU A 93 -18.42 -20.08 13.30
CA GLU A 93 -17.37 -20.95 12.74
C GLU A 93 -16.35 -20.16 11.92
N GLU A 94 -16.81 -19.25 11.07
CA GLU A 94 -15.92 -18.38 10.29
C GLU A 94 -15.10 -17.42 11.15
N LEU A 95 -15.68 -16.92 12.24
CA LEU A 95 -14.95 -16.02 13.16
C LEU A 95 -13.81 -16.78 13.78
N VAL A 96 -14.10 -18.01 14.18
CA VAL A 96 -13.16 -18.83 14.94
C VAL A 96 -12.07 -19.33 14.02
N LYS A 97 -12.46 -19.95 12.91
CA LYS A 97 -11.50 -20.64 12.03
C LYS A 97 -10.66 -19.69 11.16
N ASN A 98 -11.35 -18.80 10.45
CA ASN A 98 -10.77 -17.93 9.44
C ASN A 98 -10.06 -16.69 9.96
N LEU A 99 -10.59 -16.03 11.00
CA LEU A 99 -9.72 -15.12 11.74
C LEU A 99 -8.53 -15.81 12.42
N GLY A 100 -8.82 -16.99 12.96
CA GLY A 100 -7.73 -17.80 13.52
C GLY A 100 -6.61 -18.01 12.51
N THR A 101 -6.94 -18.55 11.36
CA THR A 101 -6.00 -18.67 10.24
C THR A 101 -5.37 -17.33 9.75
N ILE A 102 -6.16 -16.27 9.63
CA ILE A 102 -5.61 -15.02 9.12
C ILE A 102 -4.52 -14.44 10.08
N ALA A 103 -4.80 -14.48 11.40
CA ALA A 103 -3.90 -13.93 12.41
C ALA A 103 -2.64 -14.75 12.44
N LYS A 104 -2.79 -16.01 12.09
CA LYS A 104 -1.68 -16.95 12.06
C LYS A 104 -0.63 -16.58 11.00
N SER A 105 -1.08 -16.09 9.85
CA SER A 105 -0.24 -15.86 8.68
C SER A 105 0.92 -14.86 8.81
N GLY A 106 1.05 -14.23 9.99
CA GLY A 106 2.15 -13.31 10.24
C GLY A 106 3.18 -13.85 11.22
N THR A 107 3.42 -15.16 11.15
CA THR A 107 4.31 -15.85 12.10
C THR A 107 5.37 -16.70 11.40
N SER A 108 6.25 -17.28 12.21
CA SER A 108 7.33 -18.11 11.71
C SER A 108 6.89 -19.54 11.38
N GLU A 109 6.15 -20.15 12.30
CA GLU A 109 5.76 -21.57 12.19
C GLU A 109 4.75 -21.83 11.07
N PHE A 110 3.90 -20.84 10.81
CA PHE A 110 2.84 -20.92 9.80
C PHE A 110 3.41 -20.98 8.38
N LEU A 111 4.41 -20.16 8.12
CA LEU A 111 4.97 -20.00 6.78
C LEU A 111 5.91 -21.13 6.39
N ASN A 112 7.02 -21.26 7.11
CA ASN A 112 8.11 -22.19 6.77
C ASN A 112 7.67 -23.66 6.66
N LYS A 113 6.57 -24.00 7.33
CA LYS A 113 5.99 -25.34 7.23
C LYS A 113 4.48 -25.34 7.50
N MET A 114 3.80 -26.35 6.96
CA MET A 114 2.41 -26.63 7.27
C MET A 114 2.16 -28.14 7.54
N THR A 115 2.34 -29.03 6.54
CA THR A 115 2.68 -28.73 5.15
C THR A 115 1.49 -29.09 4.26
N GLU A 116 0.68 -28.06 3.95
CA GLU A 116 -0.63 -28.21 3.28
C GLU A 116 -1.59 -29.09 4.09
N ALA A 117 -1.96 -28.58 5.27
CA ALA A 117 -2.78 -29.32 6.24
C ALA A 117 -3.49 -28.34 7.19
N GLN A 118 -4.61 -28.76 7.76
CA GLN A 118 -5.47 -29.75 7.13
C GLN A 118 -6.61 -29.09 6.36
N GLU A 119 -6.74 -27.77 6.52
CA GLU A 119 -7.51 -26.96 5.60
C GLU A 119 -6.82 -26.84 4.24
N ASP A 120 -7.44 -27.41 3.21
CA ASP A 120 -8.03 -26.61 2.14
C ASP A 120 -6.98 -25.71 1.50
N GLY A 121 -5.89 -26.31 1.02
CA GLY A 121 -4.68 -25.58 0.73
C GLY A 121 -4.95 -24.27 0.03
N GLN A 122 -5.69 -24.34 -1.07
CA GLN A 122 -5.93 -23.17 -1.92
C GLN A 122 -6.88 -22.16 -1.29
N SER A 123 -7.79 -22.64 -0.44
CA SER A 123 -8.74 -21.78 0.25
C SER A 123 -8.05 -20.94 1.32
N THR A 124 -7.09 -21.54 2.01
CA THR A 124 -6.26 -20.82 2.99
C THR A 124 -5.47 -19.73 2.28
N SER A 125 -4.91 -20.06 1.11
CA SER A 125 -4.06 -19.16 0.34
C SER A 125 -4.85 -17.93 -0.04
N GLU A 126 -6.08 -18.14 -0.51
CA GLU A 126 -6.98 -17.06 -0.90
C GLU A 126 -7.44 -16.19 0.26
N LEU A 127 -7.65 -16.83 1.41
CA LEU A 127 -8.15 -16.15 2.62
C LEU A 127 -7.10 -15.15 3.11
N ILE A 128 -5.86 -15.60 3.18
CA ILE A 128 -4.78 -14.76 3.59
C ILE A 128 -4.43 -13.72 2.52
N GLY A 129 -4.47 -14.11 1.24
CA GLY A 129 -4.13 -13.19 0.14
C GLY A 129 -5.14 -12.04 0.13
N GLN A 130 -6.31 -12.27 0.65
CA GLN A 130 -7.28 -11.17 0.69
C GLN A 130 -7.24 -10.33 1.97
N PHE A 131 -7.24 -11.03 3.10
CA PHE A 131 -7.52 -10.35 4.38
C PHE A 131 -6.29 -10.12 5.27
N GLY A 132 -5.22 -10.86 4.98
CA GLY A 132 -3.95 -10.86 5.73
C GLY A 132 -3.47 -9.42 5.97
N VAL A 133 -3.37 -8.64 4.91
CA VAL A 133 -2.81 -7.29 4.99
C VAL A 133 -3.68 -6.39 5.89
N GLY A 134 -5.00 -6.53 5.77
CA GLY A 134 -5.95 -5.80 6.61
C GLY A 134 -5.87 -6.16 8.09
N PHE A 135 -5.86 -7.44 8.38
CA PHE A 135 -5.77 -7.91 9.77
C PHE A 135 -4.47 -7.43 10.40
N TYR A 136 -3.35 -7.62 9.68
CA TYR A 136 -2.04 -7.27 10.22
C TYR A 136 -1.92 -5.75 10.45
N SER A 137 -2.33 -4.96 9.46
CA SER A 137 -2.26 -3.50 9.63
C SER A 137 -3.18 -3.02 10.80
N ALA A 138 -4.35 -3.65 11.00
CA ALA A 138 -5.23 -3.23 12.12
C ALA A 138 -4.52 -3.38 13.46
N PHE A 139 -3.75 -4.46 13.64
CA PHE A 139 -2.97 -4.63 14.84
C PHE A 139 -1.71 -3.82 14.94
N LEU A 140 -1.38 -3.08 13.89
CA LEU A 140 -0.36 -2.04 14.03
C LEU A 140 -0.90 -0.76 14.64
N VAL A 141 -2.22 -0.53 14.54
CA VAL A 141 -2.83 0.68 15.12
C VAL A 141 -3.72 0.40 16.34
N ALA A 142 -4.04 -0.86 16.61
CA ALA A 142 -4.95 -1.22 17.70
C ALA A 142 -4.37 -2.25 18.65
N ASP A 143 -4.71 -2.13 19.94
CA ASP A 143 -4.31 -3.12 20.94
C ASP A 143 -5.33 -4.27 20.99
N LYS A 144 -6.56 -3.97 20.61
CA LYS A 144 -7.63 -4.97 20.54
C LYS A 144 -8.50 -4.74 19.31
N VAL A 145 -8.96 -5.85 18.73
CA VAL A 145 -9.89 -5.85 17.60
C VAL A 145 -11.09 -6.65 18.06
N ILE A 146 -12.26 -6.02 17.99
CA ILE A 146 -13.50 -6.69 18.32
C ILE A 146 -14.35 -6.76 17.05
N VAL A 147 -14.81 -7.96 16.74
CA VAL A 147 -15.52 -8.23 15.51
C VAL A 147 -16.89 -8.76 15.89
N THR A 148 -17.92 -7.94 15.68
CA THR A 148 -19.31 -8.30 15.92
C THR A 148 -19.91 -8.61 14.55
N SER A 149 -20.50 -9.78 14.41
CA SER A 149 -20.97 -10.16 13.07
C SER A 149 -22.22 -11.01 13.06
N LYS A 150 -23.06 -10.78 12.04
CA LYS A 150 -24.30 -11.48 11.87
C LYS A 150 -24.42 -11.93 10.41
N HIS A 151 -24.36 -13.25 10.20
CA HIS A 151 -24.49 -13.87 8.89
C HIS A 151 -25.90 -14.43 8.88
N ASN A 152 -26.53 -14.46 7.69
CA ASN A 152 -27.87 -15.02 7.55
C ASN A 152 -28.03 -16.42 8.14
N ASN A 153 -26.95 -17.23 8.09
CA ASN A 153 -27.02 -18.62 8.56
C ASN A 153 -26.66 -18.84 10.04
N ASP A 154 -26.50 -17.77 10.80
CA ASP A 154 -26.13 -17.96 12.22
C ASP A 154 -26.67 -16.83 13.08
N THR A 155 -26.51 -16.91 14.40
CA THR A 155 -26.89 -15.80 15.29
C THR A 155 -25.71 -14.83 15.43
N GLN A 156 -25.96 -13.65 15.97
CA GLN A 156 -24.93 -12.63 16.12
C GLN A 156 -23.93 -13.05 17.18
N HIS A 157 -22.64 -12.97 16.85
CA HIS A 157 -21.55 -13.31 17.73
C HIS A 157 -20.53 -12.20 17.80
N ILE A 158 -19.74 -12.19 18.86
CA ILE A 158 -18.69 -11.21 19.03
C ILE A 158 -17.36 -11.98 19.27
N TRP A 159 -16.41 -11.73 18.40
CA TRP A 159 -15.04 -12.22 18.51
C TRP A 159 -14.18 -11.04 19.01
N GLU A 160 -13.24 -11.31 19.89
CA GLU A 160 -12.31 -10.25 20.31
C GLU A 160 -10.94 -10.87 20.47
N SER A 161 -9.92 -10.12 20.08
CA SER A 161 -8.55 -10.58 20.23
C SER A 161 -7.61 -9.45 20.54
N ASP A 162 -6.55 -9.75 21.29
CA ASP A 162 -5.45 -8.80 21.42
C ASP A 162 -4.29 -9.16 20.50
N SER A 163 -4.57 -10.01 19.49
CA SER A 163 -3.53 -10.67 18.61
C SER A 163 -2.83 -11.93 19.18
N ASN A 164 -2.95 -12.16 20.48
CA ASN A 164 -2.32 -13.33 21.14
C ASN A 164 -3.31 -14.42 21.56
N GLU A 165 -4.46 -13.98 22.07
CA GLU A 165 -5.52 -14.82 22.56
C GLU A 165 -6.78 -14.25 21.87
N PHE A 166 -7.84 -15.05 21.77
CA PHE A 166 -9.13 -14.60 21.24
C PHE A 166 -10.20 -15.29 22.07
N SER A 167 -11.39 -14.70 22.08
CA SER A 167 -12.59 -15.41 22.53
C SER A 167 -13.77 -15.03 21.65
N VAL A 168 -14.74 -15.92 21.60
CA VAL A 168 -15.97 -15.69 20.87
C VAL A 168 -17.15 -16.02 21.79
N ILE A 169 -18.14 -15.14 21.79
CA ILE A 169 -19.37 -15.32 22.55
C ILE A 169 -20.56 -15.01 21.65
N ALA A 170 -21.71 -15.58 21.99
CA ALA A 170 -22.96 -15.16 21.41
C ALA A 170 -23.23 -13.76 21.94
N ASP A 171 -23.65 -12.87 21.05
CA ASP A 171 -23.93 -11.50 21.46
C ASP A 171 -25.20 -11.52 22.32
N PRO A 172 -25.09 -11.15 23.61
CA PRO A 172 -26.27 -11.18 24.50
C PRO A 172 -27.31 -10.11 24.13
N ARG A 173 -26.96 -9.18 23.25
CA ARG A 173 -27.93 -8.16 22.77
C ARG A 173 -28.78 -8.69 21.62
N GLY A 174 -28.49 -9.92 21.18
CA GLY A 174 -29.15 -10.53 20.04
C GLY A 174 -28.69 -9.88 18.73
N ASN A 175 -29.57 -9.90 17.75
CA ASN A 175 -29.29 -9.42 16.42
C ASN A 175 -29.51 -7.91 16.29
N THR A 176 -28.50 -7.12 16.59
CA THR A 176 -28.63 -5.67 16.50
C THR A 176 -28.18 -5.21 15.12
N LEU A 177 -27.33 -5.99 14.45
CA LEU A 177 -26.84 -5.62 13.13
C LEU A 177 -27.85 -5.85 12.02
N GLY A 178 -28.78 -6.80 12.22
CA GLY A 178 -29.68 -7.28 11.14
C GLY A 178 -28.91 -8.29 10.26
N ARG A 179 -27.81 -7.82 9.71
CA ARG A 179 -26.87 -8.66 8.95
C ARG A 179 -25.68 -7.78 8.70
N GLY A 180 -24.50 -8.35 8.78
CA GLY A 180 -23.28 -7.64 8.43
C GLY A 180 -22.22 -7.70 9.52
N THR A 181 -21.35 -6.70 9.55
CA THR A 181 -20.21 -6.79 10.47
C THR A 181 -19.78 -5.43 10.98
N THR A 182 -19.48 -5.40 12.28
CA THR A 182 -18.84 -4.23 12.88
C THR A 182 -17.44 -4.58 13.29
N ILE A 183 -16.47 -3.79 12.84
CA ILE A 183 -15.12 -3.98 13.33
C ILE A 183 -14.86 -2.81 14.24
N THR A 184 -14.56 -3.12 15.50
CA THR A 184 -14.24 -2.12 16.49
C THR A 184 -12.77 -2.26 16.89
N LEU A 185 -12.05 -1.15 16.80
CA LEU A 185 -10.65 -1.12 17.18
C LEU A 185 -10.52 -0.26 18.41
N VAL A 186 -9.90 -0.83 19.43
CA VAL A 186 -9.42 -0.07 20.59
C VAL A 186 -8.01 0.39 20.23
N LEU A 187 -7.88 1.67 19.94
CA LEU A 187 -6.68 2.20 19.34
C LEU A 187 -5.49 2.34 20.31
N LYS A 188 -4.29 2.15 19.77
CA LYS A 188 -3.07 2.33 20.53
C LYS A 188 -2.97 3.81 20.82
N GLU A 189 -2.17 4.16 21.83
CA GLU A 189 -1.92 5.56 22.19
C GLU A 189 -1.42 6.41 21.04
N GLU A 190 -0.43 5.91 20.30
CA GLU A 190 0.12 6.62 19.14
C GLU A 190 -0.85 6.77 17.95
N ALA A 191 -1.95 6.02 17.96
CA ALA A 191 -2.91 6.02 16.86
C ALA A 191 -4.11 6.92 17.16
N SER A 192 -3.91 7.86 18.10
CA SER A 192 -4.91 8.84 18.58
C SER A 192 -5.69 9.57 17.51
N ASP A 193 -4.96 9.99 16.46
CA ASP A 193 -5.50 10.79 15.36
C ASP A 193 -6.66 10.12 14.60
N TYR A 194 -6.72 8.80 14.60
CA TYR A 194 -7.82 8.08 13.93
C TYR A 194 -9.13 8.19 14.74
N LEU A 195 -9.09 8.93 15.86
CA LEU A 195 -10.31 9.21 16.64
C LEU A 195 -10.89 10.58 16.27
N GLU A 196 -10.17 11.29 15.40
CA GLU A 196 -10.56 12.63 14.97
C GLU A 196 -11.47 12.57 13.77
N LEU A 197 -12.55 13.34 13.86
CA LEU A 197 -13.60 13.38 12.85
C LEU A 197 -13.07 13.83 11.50
N ASP A 198 -12.21 14.85 11.51
CA ASP A 198 -11.62 15.35 10.27
C ASP A 198 -10.68 14.35 9.63
N THR A 199 -9.86 13.70 10.44
CA THR A 199 -8.88 12.73 9.96
C THR A 199 -9.58 11.56 9.27
N ILE A 200 -10.58 11.03 9.94
CA ILE A 200 -11.35 9.91 9.42
C ILE A 200 -12.05 10.28 8.12
N LYS A 201 -12.72 11.44 8.12
CA LYS A 201 -13.37 11.96 6.91
C LYS A 201 -12.40 12.02 5.73
N ASN A 202 -11.22 12.59 5.96
CA ASN A 202 -10.25 12.73 4.88
C ASN A 202 -9.66 11.41 4.41
N LEU A 203 -9.57 10.42 5.31
CA LEU A 203 -9.11 9.09 4.92
C LEU A 203 -10.17 8.31 4.14
N VAL A 204 -11.40 8.44 4.58
CA VAL A 204 -12.50 7.78 3.88
C VAL A 204 -12.57 8.25 2.44
N LYS A 205 -12.50 9.59 2.26
CA LYS A 205 -12.51 10.18 0.93
C LYS A 205 -11.32 9.71 0.10
N LYS A 206 -10.14 9.65 0.72
CA LYS A 206 -8.94 9.19 0.04
C LYS A 206 -9.06 7.70 -0.41
N TYR A 207 -9.84 6.91 0.31
CA TYR A 207 -10.01 5.49 -0.05
C TYR A 207 -11.37 5.05 -0.65
N SER A 208 -12.22 6.01 -1.00
CA SER A 208 -13.55 5.77 -1.60
C SER A 208 -13.53 5.08 -2.95
N GLN A 209 -12.37 5.16 -3.62
CA GLN A 209 -12.08 4.38 -4.82
C GLN A 209 -12.31 2.87 -4.57
N PHE A 210 -12.09 2.42 -3.34
CA PHE A 210 -12.22 1.00 -2.97
C PHE A 210 -13.60 0.60 -2.44
N ILE A 211 -14.61 1.45 -2.61
CA ILE A 211 -15.97 1.06 -2.31
C ILE A 211 -16.99 1.26 -3.46
N ASN A 212 -17.80 0.23 -3.70
CA ASN A 212 -18.87 0.20 -4.70
C ASN A 212 -20.24 0.59 -4.12
N PHE A 213 -20.23 1.15 -2.92
CA PHE A 213 -21.43 1.35 -2.11
C PHE A 213 -21.31 2.65 -1.29
N PRO A 214 -22.46 3.21 -0.80
CA PRO A 214 -22.41 4.40 0.07
C PRO A 214 -21.62 4.14 1.36
N ILE A 215 -20.73 5.07 1.69
CA ILE A 215 -19.99 5.01 2.95
C ILE A 215 -20.25 6.28 3.73
N TYR A 216 -20.74 6.14 4.96
CA TYR A 216 -21.03 7.33 5.78
C TYR A 216 -20.06 7.40 6.94
N VAL A 217 -19.84 8.61 7.42
CA VAL A 217 -19.15 8.87 8.68
C VAL A 217 -20.12 9.63 9.57
N TRP A 218 -20.23 9.19 10.82
CA TRP A 218 -21.01 9.88 11.83
C TRP A 218 -20.34 11.21 12.11
N SER A 219 -21.07 12.29 11.86
CA SER A 219 -20.46 13.62 11.81
C SER A 219 -21.43 14.69 12.29
N SER A 220 -20.89 15.79 12.81
CA SER A 220 -21.71 16.89 13.30
C SER A 220 -21.91 17.95 12.21
N LYS A 221 -23.11 18.51 12.14
CA LYS A 221 -23.32 19.80 11.51
C LYS A 221 -24.15 20.72 12.40
N THR A 222 -23.80 22.00 12.41
CA THR A 222 -24.47 22.97 13.25
C THR A 222 -25.72 23.45 12.52
N LYS A 227 -27.91 24.31 18.82
CA LYS A 227 -27.19 23.07 19.05
C LYS A 227 -26.59 22.48 17.78
N THR A 228 -25.58 21.63 17.97
CA THR A 228 -24.93 20.93 16.88
C THR A 228 -25.59 19.55 16.72
N VAL A 229 -25.94 19.23 15.44
CA VAL A 229 -26.63 17.97 15.17
C VAL A 229 -25.67 16.92 14.64
N TRP A 230 -25.77 15.69 15.15
CA TRP A 230 -24.98 14.58 14.64
C TRP A 230 -25.80 13.67 13.75
N ASP A 231 -25.22 13.28 12.62
CA ASP A 231 -25.85 12.31 11.72
C ASP A 231 -24.83 11.70 10.77
N TRP A 232 -25.29 10.73 9.98
CA TRP A 232 -24.44 10.13 8.94
C TRP A 232 -24.23 11.09 7.78
N GLU A 233 -22.98 11.45 7.54
CA GLU A 233 -22.60 12.17 6.33
C GLU A 233 -22.13 11.20 5.24
N LEU A 234 -22.68 11.34 4.05
CA LEU A 234 -22.32 10.50 2.92
C LEU A 234 -21.01 10.96 2.29
N MET A 235 -20.04 10.05 2.19
CA MET A 235 -18.68 10.41 1.82
C MET A 235 -18.30 10.22 0.34
N ASN A 236 -19.16 9.55 -0.41
CA ASN A 236 -18.88 9.27 -1.82
C ASN A 236 -20.15 9.40 -2.65
N GLU B 10 4.73 -35.11 -2.99
CA GLU B 10 5.89 -34.19 -2.78
C GLU B 10 5.40 -32.89 -2.16
N LYS B 11 6.35 -32.08 -1.68
CA LYS B 11 6.05 -30.74 -1.16
C LYS B 11 6.20 -29.68 -2.25
N PHE B 12 6.78 -30.08 -3.39
CA PHE B 12 6.79 -29.25 -4.60
C PHE B 12 5.40 -28.58 -4.86
N ALA B 13 4.32 -29.33 -4.59
CA ALA B 13 2.95 -28.79 -4.71
C ALA B 13 2.58 -27.82 -3.58
N PHE B 14 3.04 -28.13 -2.35
CA PHE B 14 2.85 -27.24 -1.22
C PHE B 14 3.54 -25.90 -1.44
N GLN B 15 4.80 -25.95 -1.84
CA GLN B 15 5.61 -24.77 -2.15
C GLN B 15 4.98 -23.94 -3.25
N ALA B 16 4.47 -24.61 -4.28
CA ALA B 16 3.80 -23.93 -5.38
C ALA B 16 2.56 -23.15 -4.89
N GLU B 17 1.86 -23.70 -3.91
CA GLU B 17 0.67 -23.07 -3.35
C GLU B 17 1.04 -21.87 -2.47
N VAL B 18 2.09 -22.02 -1.68
CA VAL B 18 2.64 -20.95 -0.84
C VAL B 18 3.10 -19.79 -1.71
N ASN B 19 3.75 -20.12 -2.83
CA ASN B 19 4.09 -19.18 -3.90
C ASN B 19 2.86 -18.37 -4.35
N ARG B 20 1.77 -19.08 -4.61
CA ARG B 20 0.57 -18.43 -5.07
C ARG B 20 -0.02 -17.51 -4.00
N MET B 21 -0.01 -17.94 -2.73
CA MET B 21 -0.43 -17.10 -1.59
C MET B 21 0.40 -15.81 -1.49
N MET B 22 1.72 -15.93 -1.64
CA MET B 22 2.59 -14.74 -1.62
C MET B 22 2.23 -13.73 -2.71
N LYS B 23 2.04 -14.22 -3.94
CA LYS B 23 1.53 -13.37 -5.03
C LYS B 23 0.20 -12.64 -4.71
N LEU B 24 -0.75 -13.35 -4.11
CA LEU B 24 -2.03 -12.76 -3.75
C LEU B 24 -1.88 -11.68 -2.65
N ILE B 25 -0.98 -11.91 -1.70
CA ILE B 25 -0.71 -10.94 -0.62
C ILE B 25 -0.16 -9.66 -1.26
N ILE B 26 0.84 -9.85 -2.12
CA ILE B 26 1.47 -8.74 -2.86
C ILE B 26 0.47 -7.93 -3.66
N ASN B 27 -0.39 -8.61 -4.43
CA ASN B 27 -1.50 -7.96 -5.10
C ASN B 27 -2.42 -7.16 -4.16
N SER B 28 -2.63 -7.71 -2.97
CA SER B 28 -3.50 -7.11 -1.97
C SER B 28 -2.82 -5.86 -1.46
N LEU B 29 -1.52 -5.98 -1.26
CA LEU B 29 -0.77 -4.88 -0.69
C LEU B 29 -0.80 -3.73 -1.69
N TYR B 30 -0.54 -4.06 -2.97
CA TYR B 30 -0.47 -3.08 -4.03
C TYR B 30 -1.79 -2.91 -4.77
N LYS B 31 -2.86 -2.85 -4.00
CA LYS B 31 -4.24 -2.65 -4.45
C LYS B 31 -4.33 -1.32 -5.19
N ASN B 32 -3.51 -0.37 -4.79
CA ASN B 32 -3.57 0.96 -5.39
C ASN B 32 -2.35 1.34 -6.25
N LYS B 33 -2.48 1.20 -7.56
CA LYS B 33 -1.34 1.40 -8.47
C LYS B 33 -0.83 2.86 -8.50
N GLU B 34 -1.72 3.83 -8.34
CA GLU B 34 -1.36 5.25 -8.31
C GLU B 34 -0.36 5.62 -7.21
N ILE B 35 -0.11 4.68 -6.31
CA ILE B 35 0.90 4.79 -5.26
C ILE B 35 2.31 5.03 -5.80
N PHE B 36 2.57 4.62 -7.05
CA PHE B 36 3.90 4.76 -7.63
C PHE B 36 4.36 6.23 -7.52
N LEU B 37 3.42 7.16 -7.68
CA LEU B 37 3.76 8.57 -7.71
C LEU B 37 4.03 9.11 -6.32
N ARG B 38 3.23 8.69 -5.35
CA ARG B 38 3.52 9.04 -3.95
C ARG B 38 4.97 8.66 -3.61
N GLU B 39 5.38 7.46 -3.98
CA GLU B 39 6.74 6.97 -3.69
C GLU B 39 7.81 7.80 -4.42
N LEU B 40 7.58 8.09 -5.70
CA LEU B 40 8.53 8.89 -6.46
C LEU B 40 8.72 10.25 -5.79
N ILE B 41 7.61 10.91 -5.48
CA ILE B 41 7.62 12.18 -4.77
C ILE B 41 8.32 12.06 -3.40
N SER B 42 8.11 10.93 -2.72
CA SER B 42 8.68 10.70 -1.41
C SER B 42 10.19 10.47 -1.47
N ASN B 43 10.62 9.70 -2.46
CA ASN B 43 12.05 9.53 -2.70
C ASN B 43 12.75 10.83 -3.09
N ALA B 44 12.04 11.66 -3.87
CA ALA B 44 12.54 12.97 -4.25
C ALA B 44 12.77 13.85 -3.01
N SER B 45 11.80 13.84 -2.08
CA SER B 45 11.85 14.61 -0.81
C SER B 45 13.03 14.16 0.03
N ASP B 46 13.29 12.86 0.07
CA ASP B 46 14.44 12.30 0.77
C ASP B 46 15.75 12.71 0.12
N ALA B 47 15.80 12.68 -1.22
CA ALA B 47 16.99 13.15 -1.93
C ALA B 47 17.28 14.60 -1.53
N LEU B 48 16.23 15.42 -1.53
CA LEU B 48 16.34 16.84 -1.21
C LEU B 48 16.78 17.05 0.25
N ASP B 49 16.12 16.33 1.18
CA ASP B 49 16.52 16.24 2.58
C ASP B 49 18.02 15.95 2.68
N LYS B 50 18.52 14.99 1.90
CA LYS B 50 19.92 14.55 2.00
C LYS B 50 20.94 15.64 1.62
N ILE B 51 20.72 16.30 0.50
CA ILE B 51 21.65 17.33 0.06
C ILE B 51 21.54 18.58 0.94
N ARG B 52 20.39 18.76 1.59
CA ARG B 52 20.21 19.90 2.46
C ARG B 52 21.06 19.70 3.71
N LEU B 53 20.98 18.49 4.29
CA LEU B 53 21.81 18.09 5.43
C LEU B 53 23.30 18.24 5.09
N ILE B 54 23.65 17.85 3.87
CA ILE B 54 25.02 18.06 3.39
C ILE B 54 25.34 19.56 3.37
N SER B 55 24.44 20.38 2.82
CA SER B 55 24.64 21.83 2.72
C SER B 55 24.96 22.60 4.04
N LEU B 56 24.48 22.08 5.17
CA LEU B 56 24.70 22.70 6.47
C LEU B 56 26.18 22.83 6.80
N THR B 57 26.96 21.82 6.43
CA THR B 57 28.38 21.78 6.77
C THR B 57 29.32 22.03 5.57
N ASP B 58 28.84 21.69 4.37
CA ASP B 58 29.60 21.77 3.12
C ASP B 58 29.05 22.91 2.25
N GLU B 59 29.81 24.00 2.17
CA GLU B 59 29.39 25.22 1.48
C GLU B 59 29.20 25.11 -0.02
N ASN B 60 29.75 24.04 -0.61
CA ASN B 60 29.68 23.78 -2.05
C ASN B 60 28.76 22.63 -2.42
N ALA B 61 27.82 22.31 -1.54
CA ALA B 61 26.85 21.24 -1.80
C ALA B 61 25.82 21.68 -2.82
N LEU B 62 25.42 22.95 -2.72
CA LEU B 62 24.48 23.53 -3.66
C LEU B 62 25.21 24.24 -4.82
N ALA B 63 26.23 23.60 -5.37
CA ALA B 63 27.08 24.21 -6.40
C ALA B 63 26.60 23.88 -7.82
N GLY B 64 26.16 22.65 -8.02
CA GLY B 64 25.60 22.21 -9.29
C GLY B 64 24.24 22.84 -9.57
N ASN B 65 23.35 22.80 -8.58
CA ASN B 65 22.00 23.33 -8.74
C ASN B 65 21.55 24.17 -7.55
N GLU B 66 21.20 25.42 -7.85
CA GLU B 66 20.89 26.43 -6.84
C GLU B 66 19.64 26.15 -6.00
N GLU B 67 18.64 25.50 -6.59
CA GLU B 67 17.33 25.34 -5.95
C GLU B 67 17.05 23.93 -5.42
N LEU B 68 15.93 23.80 -4.70
CA LEU B 68 15.51 22.55 -4.09
C LEU B 68 14.04 22.30 -4.40
N THR B 69 13.79 21.64 -5.54
CA THR B 69 12.42 21.42 -6.03
C THR B 69 12.16 20.00 -6.51
N VAL B 70 10.87 19.69 -6.66
CA VAL B 70 10.42 18.50 -7.36
C VAL B 70 9.63 18.99 -8.58
N LYS B 71 10.01 18.46 -9.76
CA LYS B 71 9.35 18.86 -10.99
C LYS B 71 8.81 17.66 -11.76
N ILE B 72 7.51 17.71 -12.05
CA ILE B 72 6.82 16.61 -12.74
C ILE B 72 6.32 17.06 -14.11
N LYS B 73 6.69 16.30 -15.15
CA LYS B 73 6.25 16.62 -16.52
C LYS B 73 5.68 15.38 -17.23
N CYS B 74 4.54 15.54 -17.89
CA CYS B 74 3.95 14.48 -18.72
C CYS B 74 4.20 14.72 -20.20
N ASP B 75 4.78 13.74 -20.88
CA ASP B 75 4.92 13.79 -22.33
C ASP B 75 3.95 12.78 -22.93
N LYS B 76 2.73 13.24 -23.24
CA LYS B 76 1.72 12.34 -23.78
C LYS B 76 2.16 11.70 -25.09
N GLU B 77 2.65 12.53 -26.03
CA GLU B 77 3.04 12.05 -27.37
C GLU B 77 4.06 10.92 -27.34
N LYS B 78 5.05 11.04 -26.46
CA LYS B 78 6.07 10.01 -26.29
C LYS B 78 5.68 8.96 -25.24
N ASN B 79 4.56 9.18 -24.56
CA ASN B 79 4.09 8.27 -23.51
C ASN B 79 5.09 8.22 -22.35
N LEU B 80 5.44 9.39 -21.82
CA LEU B 80 6.43 9.47 -20.75
C LEU B 80 5.95 10.29 -19.57
N LEU B 81 6.27 9.81 -18.38
CA LEU B 81 6.14 10.58 -17.15
C LEU B 81 7.53 10.84 -16.53
N HIS B 82 7.82 12.11 -16.28
CA HIS B 82 9.10 12.54 -15.72
C HIS B 82 8.94 13.07 -14.29
N VAL B 83 9.78 12.57 -13.38
CA VAL B 83 9.82 13.11 -12.02
C VAL B 83 11.25 13.52 -11.73
N THR B 84 11.45 14.83 -11.62
CA THR B 84 12.79 15.42 -11.51
C THR B 84 12.98 16.11 -10.18
N ASP B 85 13.99 15.67 -9.43
CA ASP B 85 14.37 16.38 -8.19
C ASP B 85 15.74 17.04 -8.36
N THR B 86 15.98 18.08 -7.56
CA THR B 86 17.28 18.72 -7.48
C THR B 86 18.02 18.26 -6.20
N GLY B 87 17.78 17.01 -5.81
CA GLY B 87 18.35 16.46 -4.56
C GLY B 87 19.77 15.93 -4.70
N VAL B 88 20.11 14.96 -3.86
CA VAL B 88 21.49 14.45 -3.77
C VAL B 88 22.03 13.82 -5.07
N GLY B 89 21.18 13.15 -5.84
CA GLY B 89 21.64 12.46 -7.05
C GLY B 89 22.30 11.12 -6.71
N MET B 90 22.80 10.43 -7.74
CA MET B 90 23.48 9.15 -7.57
C MET B 90 24.72 9.07 -8.46
N THR B 91 25.82 8.56 -7.92
CA THR B 91 26.99 8.26 -8.73
C THR B 91 26.70 7.07 -9.66
N ARG B 92 27.58 6.87 -10.63
CA ARG B 92 27.53 5.68 -11.48
C ARG B 92 27.57 4.38 -10.65
N GLU B 93 28.40 4.37 -9.61
CA GLU B 93 28.49 3.22 -8.69
C GLU B 93 27.14 2.96 -7.99
N GLU B 94 26.51 4.01 -7.47
CA GLU B 94 25.16 3.93 -6.87
C GLU B 94 24.14 3.37 -7.85
N LEU B 95 24.19 3.85 -9.10
CA LEU B 95 23.26 3.42 -10.13
C LEU B 95 23.41 1.93 -10.43
N VAL B 96 24.64 1.49 -10.63
CA VAL B 96 24.92 0.09 -10.95
C VAL B 96 24.64 -0.81 -9.75
N LYS B 97 25.32 -0.57 -8.63
CA LYS B 97 25.25 -1.45 -7.48
C LYS B 97 23.88 -1.45 -6.81
N ASN B 98 23.36 -0.26 -6.50
CA ASN B 98 22.14 -0.12 -5.71
C ASN B 98 20.83 -0.46 -6.44
N LEU B 99 20.61 0.11 -7.62
CA LEU B 99 19.37 -0.14 -8.36
C LEU B 99 19.28 -1.59 -8.81
N GLY B 100 20.42 -2.19 -9.13
CA GLY B 100 20.49 -3.61 -9.45
C GLY B 100 19.92 -4.49 -8.34
N THR B 101 20.19 -4.12 -7.09
CA THR B 101 19.75 -4.87 -5.91
C THR B 101 18.23 -4.80 -5.72
N ILE B 102 17.69 -3.58 -5.85
CA ILE B 102 16.27 -3.33 -5.66
C ILE B 102 15.47 -3.99 -6.79
N ALA B 103 16.10 -4.15 -7.95
CA ALA B 103 15.54 -4.91 -9.07
C ALA B 103 15.46 -6.39 -8.72
N LYS B 104 16.51 -6.91 -8.09
CA LYS B 104 16.61 -8.32 -7.75
C LYS B 104 16.20 -8.61 -6.30
N SER B 105 15.02 -8.12 -5.92
CA SER B 105 14.49 -8.32 -4.57
C SER B 105 13.18 -9.10 -4.61
N GLU B 109 18.15 -16.12 -8.20
CA GLU B 109 18.73 -17.17 -7.37
C GLU B 109 19.37 -16.59 -6.10
N PHE B 110 20.13 -15.52 -6.25
CA PHE B 110 20.78 -14.85 -5.12
C PHE B 110 19.78 -14.04 -4.30
N LEU B 111 19.08 -14.73 -3.40
CA LEU B 111 18.07 -14.13 -2.54
C LEU B 111 18.54 -14.04 -1.09
N MET B 114 24.96 -18.29 2.42
CA MET B 114 25.74 -17.31 3.16
C MET B 114 25.23 -15.88 2.95
N THR B 115 25.35 -15.06 4.00
CA THR B 115 24.90 -13.66 3.97
C THR B 115 26.08 -12.67 4.15
N GLU B 116 25.75 -11.39 4.32
CA GLU B 116 26.71 -10.28 4.51
C GLU B 116 27.14 -9.63 3.20
N ALA B 117 26.49 -10.02 2.10
CA ALA B 117 26.75 -9.47 0.78
C ALA B 117 25.66 -8.47 0.36
N GLN B 118 26.01 -7.49 -0.47
CA GLN B 118 27.41 -7.23 -0.85
C GLN B 118 27.86 -5.89 -0.29
N GLU B 119 27.06 -5.32 0.61
CA GLU B 119 27.58 -4.59 1.75
C GLU B 119 26.88 -5.00 3.05
N ASP B 120 27.29 -4.40 4.15
CA ASP B 120 26.41 -3.50 4.90
C ASP B 120 24.95 -3.95 4.80
N GLY B 121 24.67 -5.16 5.28
CA GLY B 121 23.46 -5.87 4.89
C GLY B 121 22.44 -5.95 6.01
N GLN B 122 22.66 -5.16 7.07
CA GLN B 122 21.68 -4.21 7.54
C GLN B 122 21.31 -3.21 6.45
N SER B 123 22.30 -2.82 5.65
CA SER B 123 22.16 -1.67 4.76
C SER B 123 21.53 -2.08 3.43
N THR B 124 21.66 -3.36 3.10
CA THR B 124 20.88 -3.95 2.01
C THR B 124 19.39 -3.97 2.35
N SER B 125 19.07 -4.51 3.53
CA SER B 125 17.70 -4.50 4.01
C SER B 125 17.16 -3.09 4.05
N GLU B 126 18.02 -2.15 4.48
CA GLU B 126 17.64 -0.74 4.54
C GLU B 126 17.31 -0.20 3.15
N LEU B 127 18.15 -0.56 2.18
CA LEU B 127 18.03 -0.09 0.81
C LEU B 127 16.77 -0.61 0.13
N ILE B 128 16.57 -1.93 0.16
CA ILE B 128 15.32 -2.51 -0.34
C ILE B 128 14.14 -1.96 0.48
N GLY B 129 14.32 -1.89 1.80
CA GLY B 129 13.32 -1.32 2.70
C GLY B 129 12.81 0.05 2.32
N GLN B 130 13.73 0.98 2.04
CA GLN B 130 13.38 2.38 1.73
C GLN B 130 12.88 2.60 0.30
N PHE B 131 13.40 1.83 -0.65
CA PHE B 131 13.10 2.11 -2.07
C PHE B 131 12.33 1.01 -2.80
N GLY B 132 12.32 -0.19 -2.23
CA GLY B 132 11.67 -1.35 -2.86
C GLY B 132 10.26 -1.08 -3.37
N VAL B 133 9.45 -0.47 -2.51
CA VAL B 133 8.03 -0.18 -2.78
C VAL B 133 7.88 0.77 -3.97
N GLY B 134 8.68 1.83 -3.99
CA GLY B 134 8.68 2.76 -5.12
C GLY B 134 9.07 2.08 -6.43
N PHE B 135 10.00 1.14 -6.34
CA PHE B 135 10.50 0.43 -7.50
C PHE B 135 9.43 -0.55 -8.04
N TYR B 136 8.91 -1.40 -7.16
CA TYR B 136 7.83 -2.33 -7.56
C TYR B 136 6.63 -1.61 -8.14
N SER B 137 6.16 -0.55 -7.46
CA SER B 137 4.97 0.19 -7.93
C SER B 137 5.22 0.89 -9.27
N ALA B 138 6.46 1.35 -9.48
CA ALA B 138 6.85 1.89 -10.80
C ALA B 138 6.57 0.88 -11.93
N PHE B 139 7.10 -0.34 -11.77
CA PHE B 139 6.97 -1.40 -12.76
C PHE B 139 5.60 -2.01 -12.87
N LEU B 140 4.67 -1.54 -12.03
CA LEU B 140 3.27 -1.94 -12.12
C LEU B 140 2.57 -1.10 -13.16
N VAL B 141 3.07 0.12 -13.38
CA VAL B 141 2.48 1.07 -14.31
C VAL B 141 3.37 1.39 -15.53
N ALA B 142 4.60 0.87 -15.53
CA ALA B 142 5.58 1.20 -16.57
C ALA B 142 6.29 -0.05 -17.05
N ASP B 143 6.59 -0.09 -18.35
CA ASP B 143 7.36 -1.18 -18.94
C ASP B 143 8.84 -0.92 -18.84
N LYS B 144 9.21 0.35 -18.83
CA LYS B 144 10.61 0.72 -18.69
C LYS B 144 10.81 1.89 -17.74
N VAL B 145 11.89 1.83 -16.97
CA VAL B 145 12.25 2.91 -16.06
C VAL B 145 13.63 3.41 -16.46
N ILE B 146 13.71 4.70 -16.71
CA ILE B 146 15.00 5.33 -17.01
C ILE B 146 15.35 6.32 -15.90
N VAL B 147 16.56 6.21 -15.37
CA VAL B 147 17.01 7.10 -14.29
C VAL B 147 18.20 7.93 -14.77
N THR B 148 17.99 9.24 -14.88
CA THR B 148 19.11 10.13 -15.23
C THR B 148 19.52 10.84 -13.94
N SER B 149 20.78 10.64 -13.54
CA SER B 149 21.22 11.20 -12.26
C SER B 149 22.60 11.86 -12.30
N LYS B 150 22.71 12.99 -11.59
CA LYS B 150 23.95 13.71 -11.39
C LYS B 150 24.15 14.00 -9.90
N HIS B 151 25.16 13.33 -9.35
CA HIS B 151 25.63 13.50 -7.96
C HIS B 151 26.80 14.47 -8.00
N ASN B 152 27.03 15.20 -6.91
CA ASN B 152 28.13 16.16 -6.83
C ASN B 152 29.52 15.58 -7.18
N ASN B 153 29.71 14.30 -6.89
CA ASN B 153 31.00 13.61 -7.07
C ASN B 153 31.14 12.74 -8.33
N ASP B 154 30.25 12.91 -9.30
CA ASP B 154 30.31 12.17 -10.55
C ASP B 154 29.70 12.98 -11.69
N THR B 155 29.92 12.54 -12.92
CA THR B 155 29.30 13.13 -14.09
C THR B 155 27.91 12.51 -14.29
N GLN B 156 27.08 13.17 -15.09
CA GLN B 156 25.74 12.67 -15.35
C GLN B 156 25.71 11.30 -16.03
N HIS B 157 24.88 10.40 -15.51
CA HIS B 157 24.72 9.05 -16.05
C HIS B 157 23.26 8.71 -16.26
N ILE B 158 22.99 7.71 -17.10
CA ILE B 158 21.62 7.29 -17.36
C ILE B 158 21.51 5.79 -17.20
N TRP B 159 20.62 5.37 -16.30
CA TRP B 159 20.34 3.98 -16.02
C TRP B 159 19.02 3.64 -16.69
N GLU B 160 18.89 2.42 -17.20
CA GLU B 160 17.62 1.98 -17.79
C GLU B 160 17.36 0.51 -17.48
N SER B 161 16.10 0.20 -17.16
CA SER B 161 15.70 -1.21 -17.01
C SER B 161 14.27 -1.49 -17.45
N ASP B 162 14.08 -2.74 -17.87
CA ASP B 162 12.75 -3.32 -18.10
C ASP B 162 12.41 -4.28 -16.96
N SER B 163 13.11 -4.12 -15.84
CA SER B 163 12.95 -4.93 -14.62
C SER B 163 13.69 -6.27 -14.65
N ASN B 164 14.01 -6.76 -15.85
CA ASN B 164 14.72 -8.05 -16.00
C ASN B 164 16.21 -7.88 -16.22
N GLU B 165 16.59 -6.86 -16.99
CA GLU B 165 17.98 -6.54 -17.25
C GLU B 165 18.14 -5.02 -17.25
N PHE B 166 19.34 -4.57 -16.91
CA PHE B 166 19.65 -3.15 -16.86
C PHE B 166 20.97 -2.84 -17.60
N SER B 167 21.11 -1.57 -18.00
CA SER B 167 22.37 -1.03 -18.49
C SER B 167 22.57 0.39 -17.93
N VAL B 168 23.80 0.87 -17.98
CA VAL B 168 24.10 2.23 -17.60
C VAL B 168 25.16 2.84 -18.52
N ILE B 169 24.92 4.08 -18.94
CA ILE B 169 25.89 4.81 -19.75
C ILE B 169 26.09 6.22 -19.21
N ALA B 170 27.30 6.76 -19.42
CA ALA B 170 27.52 8.18 -19.26
C ALA B 170 26.51 8.91 -20.15
N ASP B 171 25.90 9.97 -19.63
CA ASP B 171 25.01 10.78 -20.43
C ASP B 171 25.81 11.58 -21.45
N PRO B 172 25.55 11.36 -22.76
CA PRO B 172 26.24 12.09 -23.81
C PRO B 172 25.84 13.57 -23.86
N ARG B 173 24.75 13.93 -23.17
CA ARG B 173 24.37 15.35 -23.10
C ARG B 173 25.11 16.11 -21.99
N GLY B 174 26.02 15.43 -21.29
CA GLY B 174 26.80 16.06 -20.21
C GLY B 174 25.96 16.26 -18.95
N ASN B 175 26.19 17.36 -18.26
CA ASN B 175 25.45 17.69 -17.05
C ASN B 175 24.31 18.68 -17.34
N THR B 176 23.11 18.16 -17.57
CA THR B 176 21.93 19.01 -17.87
C THR B 176 21.02 19.22 -16.65
N LEU B 177 21.19 18.41 -15.63
CA LEU B 177 20.38 18.56 -14.41
C LEU B 177 20.96 19.53 -13.37
N GLY B 178 22.28 19.75 -13.42
CA GLY B 178 22.98 20.53 -12.41
C GLY B 178 23.31 19.65 -11.24
N ARG B 179 22.26 19.13 -10.60
CA ARG B 179 22.37 18.13 -9.54
C ARG B 179 21.02 17.50 -9.36
N GLY B 180 21.03 16.20 -9.16
CA GLY B 180 19.77 15.53 -8.81
C GLY B 180 19.40 14.42 -9.76
N THR B 181 18.10 14.15 -9.88
CA THR B 181 17.66 12.90 -10.49
C THR B 181 16.33 13.06 -11.23
N THR B 182 16.30 12.60 -12.49
CA THR B 182 15.05 12.45 -13.22
C THR B 182 14.74 10.96 -13.38
N ILE B 183 13.58 10.56 -12.83
CA ILE B 183 12.99 9.27 -13.12
C ILE B 183 12.02 9.43 -14.28
N THR B 184 12.27 8.66 -15.32
CA THR B 184 11.43 8.65 -16.50
C THR B 184 10.78 7.28 -16.62
N LEU B 185 9.46 7.30 -16.74
CA LEU B 185 8.69 6.08 -16.90
C LEU B 185 8.14 5.97 -18.31
N VAL B 186 8.36 4.82 -18.92
CA VAL B 186 7.73 4.48 -20.17
C VAL B 186 6.47 3.71 -19.76
N LEU B 187 5.34 4.41 -19.77
CA LEU B 187 4.08 3.92 -19.20
C LEU B 187 3.39 2.78 -19.99
N LYS B 188 2.83 1.83 -19.26
CA LYS B 188 2.07 0.74 -19.88
C LYS B 188 0.86 1.33 -20.59
N GLU B 189 0.37 0.60 -21.60
CA GLU B 189 -0.81 1.01 -22.36
C GLU B 189 -1.98 1.38 -21.45
N GLU B 190 -2.26 0.53 -20.47
CA GLU B 190 -3.36 0.78 -19.52
C GLU B 190 -3.10 1.96 -18.56
N ALA B 191 -1.83 2.34 -18.39
CA ALA B 191 -1.48 3.46 -17.50
C ALA B 191 -1.54 4.84 -18.17
N SER B 192 -2.18 4.90 -19.33
CA SER B 192 -2.28 6.13 -20.15
C SER B 192 -2.82 7.33 -19.40
N ASP B 193 -3.73 7.07 -18.48
CA ASP B 193 -4.43 8.12 -17.76
C ASP B 193 -3.46 9.02 -16.97
N TYR B 194 -2.34 8.44 -16.54
CA TYR B 194 -1.31 9.18 -15.81
C TYR B 194 -0.55 10.19 -16.68
N LEU B 195 -0.88 10.26 -17.96
CA LEU B 195 -0.34 11.28 -18.86
C LEU B 195 -1.27 12.49 -18.92
N GLU B 196 -2.44 12.37 -18.29
CA GLU B 196 -3.41 13.44 -18.27
C GLU B 196 -3.05 14.45 -17.21
N LEU B 197 -3.15 15.73 -17.56
CA LEU B 197 -2.80 16.84 -16.67
C LEU B 197 -3.62 16.83 -15.38
N ASP B 198 -4.94 16.67 -15.51
CA ASP B 198 -5.84 16.71 -14.36
C ASP B 198 -5.68 15.51 -13.43
N THR B 199 -5.30 14.36 -14.00
CA THR B 199 -5.01 13.15 -13.22
C THR B 199 -3.79 13.35 -12.30
N ILE B 200 -2.71 13.87 -12.89
CA ILE B 200 -1.44 14.09 -12.17
C ILE B 200 -1.56 15.19 -11.14
N LYS B 201 -2.17 16.32 -11.51
CA LYS B 201 -2.39 17.43 -10.58
C LYS B 201 -3.05 16.93 -9.30
N ASN B 202 -4.14 16.17 -9.46
CA ASN B 202 -4.91 15.65 -8.33
C ASN B 202 -4.14 14.63 -7.50
N LEU B 203 -3.29 13.85 -8.17
CA LEU B 203 -2.46 12.87 -7.47
C LEU B 203 -1.35 13.51 -6.64
N VAL B 204 -0.89 14.67 -7.08
CA VAL B 204 0.10 15.45 -6.33
C VAL B 204 -0.53 16.02 -5.07
N LYS B 205 -1.64 16.74 -5.23
CA LYS B 205 -2.37 17.30 -4.09
C LYS B 205 -2.85 16.22 -3.12
N LYS B 206 -3.03 15.01 -3.63
CA LYS B 206 -3.39 13.85 -2.82
C LYS B 206 -2.21 13.37 -1.97
N TYR B 207 -0.99 13.60 -2.47
CA TYR B 207 0.24 13.14 -1.80
C TYR B 207 1.27 14.25 -1.61
N SER B 208 0.92 15.27 -0.81
CA SER B 208 1.79 16.43 -0.62
C SER B 208 1.84 16.97 0.82
N GLN B 209 1.21 16.27 1.76
CA GLN B 209 1.21 16.67 3.17
C GLN B 209 2.60 16.66 3.81
N PHE B 210 3.25 15.49 3.83
CA PHE B 210 4.58 15.31 4.43
C PHE B 210 5.69 16.17 3.79
N ILE B 211 5.59 16.32 2.47
CA ILE B 211 6.62 16.99 1.66
C ILE B 211 6.58 18.48 1.90
N ASN B 212 7.70 19.01 2.38
CA ASN B 212 7.83 20.43 2.72
C ASN B 212 8.47 21.23 1.58
N PHE B 213 9.19 20.52 0.71
CA PHE B 213 9.80 21.10 -0.48
C PHE B 213 8.74 21.44 -1.52
N PRO B 214 8.99 22.47 -2.33
CA PRO B 214 8.03 22.82 -3.36
C PRO B 214 7.95 21.76 -4.47
N ILE B 215 6.72 21.43 -4.87
CA ILE B 215 6.50 20.48 -5.95
C ILE B 215 5.72 21.13 -7.10
N TYR B 216 6.27 21.00 -8.30
CA TYR B 216 5.70 21.65 -9.47
C TYR B 216 5.24 20.65 -10.52
N VAL B 217 4.17 21.01 -11.23
CA VAL B 217 3.69 20.24 -12.38
C VAL B 217 3.66 21.12 -13.63
N TRP B 218 4.24 20.60 -14.71
CA TRP B 218 4.27 21.26 -16.02
C TRP B 218 2.85 21.38 -16.57
N SER B 219 2.28 22.58 -16.44
CA SER B 219 0.87 22.81 -16.81
C SER B 219 0.66 24.04 -17.71
N SER B 220 -0.51 24.10 -18.32
CA SER B 220 -0.86 25.20 -19.22
C SER B 220 -2.07 26.00 -18.74
N LYS B 221 -2.07 27.29 -19.09
CA LYS B 221 -3.18 28.20 -18.79
C LYS B 221 -3.41 29.10 -19.99
N THR B 222 -4.68 29.35 -20.33
CA THR B 222 -5.03 30.16 -21.50
C THR B 222 -4.77 31.64 -21.28
N LYS B 227 -4.15 31.41 -27.30
CA LYS B 227 -2.80 31.08 -26.86
C LYS B 227 -2.80 30.45 -25.47
N THR B 228 -1.94 29.45 -25.28
CA THR B 228 -1.77 28.80 -23.98
C THR B 228 -0.32 28.89 -23.51
N VAL B 229 -0.12 29.32 -22.26
CA VAL B 229 1.22 29.48 -21.69
C VAL B 229 1.57 28.29 -20.79
N TRP B 230 2.55 27.50 -21.23
CA TRP B 230 3.07 26.38 -20.45
C TRP B 230 4.11 26.86 -19.43
N ASP B 231 3.92 26.49 -18.17
CA ASP B 231 4.76 26.96 -17.07
C ASP B 231 4.62 26.02 -15.86
N TRP B 232 5.58 26.10 -14.93
CA TRP B 232 5.51 25.34 -13.69
C TRP B 232 4.40 25.85 -12.78
N GLU B 233 3.66 24.91 -12.19
CA GLU B 233 2.57 25.24 -11.27
C GLU B 233 2.79 24.57 -9.91
N LEU B 234 2.83 25.39 -8.86
CA LEU B 234 2.99 24.92 -7.49
C LEU B 234 1.71 24.27 -6.98
N MET B 235 1.85 23.08 -6.42
CA MET B 235 0.70 22.27 -6.02
C MET B 235 0.46 22.27 -4.52
N ASN B 236 1.53 22.41 -3.74
CA ASN B 236 1.46 22.43 -2.29
C ASN B 236 1.72 23.83 -1.74
C1 P54 C . -14.84 -9.13 6.81
C2 P54 C . -14.91 -10.48 6.54
C3 P54 C . -16.01 -8.33 6.62
N4 P54 C . -16.07 -11.04 6.14
N5 P54 C . -17.12 -8.94 6.24
C6 P54 C . -17.18 -10.28 5.96
N7 P54 C . -13.62 -8.82 7.22
C8 P54 C . -12.98 -10.09 7.20
N9 P54 C . -13.71 -11.12 6.80
S10 P54 C . -11.33 -10.29 7.70
N11 P54 C . -15.94 -7.00 6.87
C12 P54 C . -16.12 -12.50 5.82
C13 P54 C . -15.54 -12.81 4.42
C14 P54 C . -16.19 -12.10 3.24
C15 P54 C . -15.90 -10.87 3.07
C16 P54 C . -15.62 -9.61 2.89
C17 P54 C . -10.88 -9.07 8.82
C18 P54 C . -9.75 -8.32 8.45
C19 P54 C . -9.27 -7.33 9.32
C20 P54 C . -9.94 -7.07 10.52
C21 P54 C . -11.58 -8.79 10.01
C22 P54 C . -11.10 -7.78 10.88
C23 P54 C . -12.83 -9.56 10.40
C24 P54 C . -9.41 -5.97 11.44
C1 IPA D . -28.66 6.47 4.84
C2 IPA D . -28.13 6.66 6.23
C3 IPA D . -28.98 5.73 7.09
O2 IPA D . -28.43 8.00 6.62
C1 IPA E . 6.99 -5.51 -2.79
C2 IPA E . 7.35 -5.75 -1.35
C3 IPA E . 6.72 -7.04 -0.87
O2 IPA E . 6.77 -4.73 -0.57
C1 GOL F . -32.72 -10.13 18.24
O1 GOL F . -32.21 -11.34 18.81
C2 GOL F . -33.36 -9.23 19.31
O2 GOL F . -34.66 -8.81 18.86
C3 GOL F . -32.57 -7.94 19.44
O3 GOL F . -32.97 -7.13 18.35
C1 IPA G . -8.06 -10.67 24.51
C2 IPA G . -8.37 -11.88 25.41
C3 IPA G . -8.82 -12.91 24.39
O2 IPA G . -9.50 -11.65 26.26
C1 IPA H . 0.55 -0.19 0.07
C2 IPA H . 1.93 0.38 -0.22
C3 IPA H . 2.93 -0.74 -0.03
O2 IPA H . 2.22 1.36 0.77
C1 P54 I . 16.29 8.21 -5.65
C2 P54 I . 17.44 7.64 -5.15
C3 P54 I . 16.30 9.58 -5.80
N4 P54 I . 18.54 8.36 -4.77
N5 P54 I . 17.41 10.28 -5.43
C6 P54 I . 18.49 9.69 -4.92
N7 P54 I . 15.40 7.21 -5.93
C8 P54 I . 16.07 6.08 -5.56
N9 P54 I . 17.32 6.28 -5.08
S10 P54 I . 15.43 4.44 -5.71
N11 P54 I . 15.21 10.26 -6.29
C12 P54 I . 19.75 7.74 -4.20
C13 P54 I . 19.51 7.35 -2.71
C14 P54 I . 19.07 8.53 -1.87
C15 P54 I . 17.89 8.98 -1.86
C16 P54 I . 16.71 9.53 -1.92
C17 P54 I . 14.30 4.33 -7.00
C18 P54 I . 12.99 3.95 -6.67
C19 P54 I . 12.02 3.82 -7.67
C20 P54 I . 12.35 4.03 -9.00
C21 P54 I . 14.63 4.54 -8.35
C22 P54 I . 13.66 4.41 -9.35
C23 P54 I . 16.04 4.95 -8.77
C24 P54 I . 11.30 3.90 -10.07
#